data_1AW4
#
_entry.id   1AW4
#
_cell.length_a   1.000
_cell.length_b   1.000
_cell.length_c   1.000
_cell.angle_alpha   90.00
_cell.angle_beta   90.00
_cell.angle_gamma   90.00
#
_symmetry.space_group_name_H-M   'P 1'
#
loop_
_entity.id
_entity.type
_entity.pdbx_description
1 polymer 'ATP-BINDING DNA APTAMER'
2 non-polymer 'ADENOSINE MONOPHOSPHATE'
#
_entity_poly.entity_id   1
_entity_poly.type   'polydeoxyribonucleotide'
_entity_poly.pdbx_seq_one_letter_code
;(DA)(DC)(DC)(DT)(DG)(DG)(DG)(DG)(DG)(DA)(DG)(DT)(DA)(DT)(DT)(DG)(DC)(DG)(DG)(DA)
(DG)(DG)(DA)(DA)(DG)(DG)(DT)
;
_entity_poly.pdbx_strand_id   A
#